data_6WZV
#
_entry.id   6WZV
#
_cell.length_a   186.276
_cell.length_b   186.276
_cell.length_c   159.718
_cell.angle_alpha   90.000
_cell.angle_beta   90.000
_cell.angle_gamma   120.000
#
_symmetry.space_group_name_H-M   'H 3 2'
#
loop_
_entity.id
_entity.type
_entity.pdbx_description
1 polymer 'Lon protease homolog, mitochondrial'
2 non-polymer N-[(1R)-1-borono-3-methylbutyl]-Nalpha-(pyrazine-2-carbonyl)-D-phenylalaninamide
3 non-polymer 'SULFATE ION'
4 water water
#
_entity_poly.entity_id   1
_entity_poly.type   'polypeptide(L)'
_entity_poly.pdbx_seq_one_letter_code
;MGSDKIHHHHHHERMYDVTPPGVVMGLAWTAMGGSTLFVETSLRRPQDKDAKGDKDGSLEVTGQLGEVMKESARIAYTFA
RAFLMQHAPANDYLVTSHIHLHVPEGATPKDGPSAGCTIVTALLSLAMGRPVRQNLAMTGEVSLTGKILPVGGIKEKTIA
AKRAGVTCIVLPAENKKDFYDLAAFITEGLEVHFVEHYREIFDIAFPDEQAEALAVER
;
_entity_poly.pdbx_strand_id   A,B,C
#
# COMPACT_ATOMS: atom_id res chain seq x y z
N GLU A 13 -8.32 16.69 3.40
CA GLU A 13 -8.07 15.36 2.86
C GLU A 13 -6.84 14.74 3.54
N ARG A 14 -6.61 13.46 3.29
CA ARG A 14 -5.50 12.71 3.88
C ARG A 14 -4.66 12.07 2.79
N MET A 15 -3.40 11.77 3.14
CA MET A 15 -2.57 11.14 2.13
C MET A 15 -3.01 9.70 1.87
N TYR A 16 -3.49 9.01 2.92
CA TYR A 16 -4.11 7.68 2.80
C TYR A 16 -5.51 7.75 3.42
N ASP A 17 -6.52 7.44 2.62
CA ASP A 17 -7.83 7.23 3.18
C ASP A 17 -7.92 5.85 3.82
N VAL A 18 -7.25 4.87 3.22
CA VAL A 18 -7.19 3.51 3.72
C VAL A 18 -5.72 3.09 3.75
N THR A 19 -5.22 2.74 4.97
CA THR A 19 -3.84 2.30 5.19
C THR A 19 -3.68 0.80 4.90
N PRO A 20 -2.75 0.42 4.03
CA PRO A 20 -2.37 -1.00 3.88
C PRO A 20 -1.39 -1.40 4.97
N PRO A 21 -0.88 -2.65 4.98
CA PRO A 21 0.11 -3.02 6.00
C PRO A 21 1.40 -2.22 5.88
N GLY A 22 1.99 -1.90 7.03
CA GLY A 22 3.20 -1.12 7.06
C GLY A 22 3.01 0.38 7.04
N VAL A 23 1.77 0.86 7.08
CA VAL A 23 1.46 2.28 7.01
C VAL A 23 0.60 2.65 8.22
N VAL A 24 1.03 3.65 8.99
CA VAL A 24 0.34 4.08 10.19
C VAL A 24 0.31 5.61 10.22
N MET A 25 -0.83 6.17 10.64
CA MET A 25 -0.98 7.62 10.72
C MET A 25 -0.42 8.12 12.04
N GLY A 26 0.49 9.10 11.95
CA GLY A 26 0.99 9.85 13.07
C GLY A 26 0.52 11.31 13.05
N LEU A 27 0.95 12.05 14.06
CA LEU A 27 0.52 13.43 14.25
C LEU A 27 1.72 14.27 14.60
N ALA A 28 1.83 15.44 13.95
CA ALA A 28 2.93 16.37 14.10
C ALA A 28 2.37 17.76 14.40
N TRP A 29 3.24 18.65 14.88
CA TRP A 29 2.87 20.05 15.02
C TRP A 29 4.06 20.96 14.77
N THR A 30 3.76 22.16 14.32
CA THR A 30 4.69 23.28 14.25
C THR A 30 4.06 24.49 14.91
N ALA A 31 4.83 25.56 15.05
CA ALA A 31 4.29 26.84 15.54
C ALA A 31 3.09 27.28 14.70
N MET A 32 2.90 26.64 13.55
CA MET A 32 1.81 26.98 12.63
C MET A 32 0.60 26.06 12.80
N GLY A 33 0.68 25.05 13.67
CA GLY A 33 -0.43 24.21 14.04
C GLY A 33 -0.07 22.76 13.89
N GLY A 34 -1.08 21.91 13.82
CA GLY A 34 -0.88 20.47 13.72
C GLY A 34 -1.10 19.93 12.32
N SER A 35 -0.64 18.70 12.13
CA SER A 35 -0.83 18.04 10.85
C SER A 35 -0.80 16.54 11.07
N THR A 36 -1.37 15.82 10.12
CA THR A 36 -1.19 14.38 10.07
C THR A 36 -0.02 14.03 9.16
N LEU A 37 0.65 12.93 9.49
CA LEU A 37 1.63 12.34 8.59
C LEU A 37 1.51 10.83 8.65
N PHE A 38 2.06 10.16 7.65
CA PHE A 38 2.03 8.71 7.58
C PHE A 38 3.45 8.17 7.58
N VAL A 39 3.70 7.22 8.47
CA VAL A 39 4.90 6.41 8.43
C VAL A 39 4.69 5.29 7.42
N GLU A 40 5.61 5.16 6.46
CA GLU A 40 5.58 4.10 5.47
C GLU A 40 6.77 3.17 5.67
N THR A 41 6.51 1.86 5.64
CA THR A 41 7.58 0.87 5.71
C THR A 41 7.37 -0.16 4.62
N SER A 42 8.46 -0.81 4.25
CA SER A 42 8.41 -1.74 3.14
C SER A 42 9.71 -2.53 3.14
N LEU A 43 9.66 -3.69 2.48
CA LEU A 43 10.85 -4.48 2.24
C LEU A 43 11.64 -3.87 1.08
N ARG A 44 12.96 -4.07 1.12
CA ARG A 44 13.88 -3.67 0.04
C ARG A 44 14.55 -4.85 -0.61
N ARG A 45 14.25 -6.07 -0.17
CA ARG A 45 14.86 -7.29 -0.64
C ARG A 45 14.07 -8.46 -0.05
N PRO A 46 14.17 -9.65 -0.67
CA PRO A 46 13.62 -10.86 -0.03
C PRO A 46 14.61 -11.53 0.93
N ASP A 56 21.09 -11.35 9.30
CA ASP A 56 20.71 -10.17 10.06
C ASP A 56 20.07 -9.08 9.18
N GLY A 57 19.01 -8.45 9.69
CA GLY A 57 18.26 -7.48 8.93
C GLY A 57 18.85 -6.08 9.04
N SER A 58 18.09 -5.12 8.52
CA SER A 58 18.56 -3.74 8.52
C SER A 58 17.36 -2.84 8.29
N LEU A 59 17.53 -1.60 8.72
CA LEU A 59 16.52 -0.57 8.55
C LEU A 59 17.20 0.61 7.90
N GLU A 60 16.63 1.05 6.79
CA GLU A 60 17.05 2.27 6.12
C GLU A 60 15.91 3.26 6.26
N VAL A 61 16.24 4.49 6.62
CA VAL A 61 15.26 5.49 7.01
C VAL A 61 15.43 6.73 6.14
N THR A 62 14.33 7.19 5.52
CA THR A 62 14.32 8.42 4.75
C THR A 62 13.16 9.31 5.20
N GLY A 63 13.19 10.57 4.75
CA GLY A 63 12.13 11.54 5.01
C GLY A 63 12.61 12.83 5.66
N GLN A 64 13.90 13.17 5.49
CA GLN A 64 14.51 14.37 6.07
C GLN A 64 14.33 14.38 7.59
N LEU A 65 14.64 13.26 8.21
CA LEU A 65 14.50 13.11 9.66
C LEU A 65 15.69 13.70 10.41
N GLY A 66 15.39 14.42 11.47
CA GLY A 66 16.40 14.88 12.39
C GLY A 66 16.93 13.77 13.27
N GLU A 67 17.93 14.14 14.09
CA GLU A 67 18.69 13.12 14.79
C GLU A 67 17.90 12.51 15.95
N VAL A 68 17.06 13.27 16.62
CA VAL A 68 16.16 12.66 17.59
C VAL A 68 15.20 11.68 16.91
N MET A 69 14.68 12.04 15.74
CA MET A 69 13.75 11.12 15.11
C MET A 69 14.46 9.87 14.58
N LYS A 70 15.68 10.01 14.07
CA LYS A 70 16.41 8.83 13.66
C LYS A 70 16.64 7.90 14.84
N GLU A 71 16.96 8.47 16.01
CA GLU A 71 17.21 7.62 17.16
C GLU A 71 15.93 6.95 17.64
N SER A 72 14.81 7.64 17.48
CA SER A 72 13.56 7.01 17.89
C SER A 72 13.17 5.89 16.92
N ALA A 73 13.67 5.93 15.69
CA ALA A 73 13.47 4.84 14.77
C ALA A 73 14.33 3.63 15.14
N ARG A 74 15.57 3.87 15.60
CA ARG A 74 16.41 2.77 16.10
C ARG A 74 15.81 2.14 17.35
N ILE A 75 15.36 2.96 18.30
CA ILE A 75 14.71 2.42 19.50
C ILE A 75 13.47 1.61 19.12
N ALA A 76 12.65 2.15 18.22
CA ALA A 76 11.43 1.48 17.83
C ALA A 76 11.73 0.16 17.12
N TYR A 77 12.78 0.15 16.28
CA TYR A 77 13.18 -1.05 15.57
C TYR A 77 13.60 -2.16 16.54
N THR A 78 14.40 -1.81 17.56
CA THR A 78 14.83 -2.79 18.55
C THR A 78 13.65 -3.30 19.37
N PHE A 79 12.78 -2.39 19.80
CA PHE A 79 11.63 -2.84 20.60
C PHE A 79 10.70 -3.71 19.77
N ALA A 80 10.42 -3.31 18.52
CA ALA A 80 9.54 -4.10 17.67
C ALA A 80 10.09 -5.51 17.45
N ARG A 81 11.40 -5.64 17.22
CA ARG A 81 11.99 -6.96 17.09
C ARG A 81 11.74 -7.78 18.35
N ALA A 82 11.95 -7.17 19.52
CA ALA A 82 11.74 -7.88 20.77
C ALA A 82 10.26 -8.16 21.01
N PHE A 83 9.40 -7.19 20.70
CA PHE A 83 7.98 -7.39 20.94
C PHE A 83 7.45 -8.53 20.12
N LEU A 84 7.87 -8.63 18.88
CA LEU A 84 7.31 -9.64 18.00
C LEU A 84 7.98 -10.99 18.18
N MET A 85 9.12 -11.03 18.86
CA MET A 85 9.68 -12.31 19.24
C MET A 85 8.94 -12.92 20.41
N GLN A 86 8.23 -12.11 21.20
CA GLN A 86 7.37 -12.64 22.25
C GLN A 86 5.96 -12.92 21.76
N HIS A 87 5.42 -12.08 20.88
CA HIS A 87 4.07 -12.27 20.38
C HIS A 87 4.00 -13.36 19.32
N ALA A 88 5.06 -13.50 18.51
CA ALA A 88 5.06 -14.42 17.38
C ALA A 88 6.48 -14.91 17.16
N PRO A 89 6.96 -15.82 18.02
CA PRO A 89 8.37 -16.23 17.95
C PRO A 89 8.72 -16.88 16.62
N ALA A 90 7.75 -17.48 15.93
CA ALA A 90 8.04 -18.10 14.63
C ALA A 90 8.22 -17.09 13.51
N ASN A 91 7.90 -15.83 13.76
CA ASN A 91 7.94 -14.76 12.76
C ASN A 91 9.28 -14.05 12.89
N ASP A 92 10.12 -14.22 11.87
CA ASP A 92 11.47 -13.68 11.84
C ASP A 92 11.60 -12.46 10.93
N TYR A 93 10.48 -11.91 10.45
CA TYR A 93 10.54 -10.95 9.35
C TYR A 93 11.33 -9.70 9.74
N LEU A 94 11.23 -9.26 10.99
CA LEU A 94 11.97 -8.08 11.43
C LEU A 94 13.45 -8.38 11.71
N VAL A 95 13.78 -9.63 12.03
CA VAL A 95 15.16 -9.97 12.32
C VAL A 95 15.98 -10.14 11.03
N THR A 96 15.36 -10.60 9.94
CA THR A 96 16.06 -11.00 8.72
C THR A 96 15.85 -10.10 7.51
N SER A 97 14.81 -9.26 7.48
CA SER A 97 14.52 -8.55 6.26
C SER A 97 15.27 -7.23 6.20
N HIS A 98 15.39 -6.71 4.99
CA HIS A 98 15.96 -5.40 4.74
C HIS A 98 14.79 -4.46 4.55
N ILE A 99 14.55 -3.63 5.54
CA ILE A 99 13.37 -2.79 5.59
C ILE A 99 13.75 -1.35 5.25
N HIS A 100 12.83 -0.66 4.57
CA HIS A 100 12.93 0.77 4.31
C HIS A 100 11.78 1.46 5.03
N LEU A 101 12.08 2.53 5.76
CA LEU A 101 11.06 3.32 6.44
C LEU A 101 11.09 4.74 5.88
N HIS A 102 9.92 5.25 5.49
CA HIS A 102 9.81 6.58 4.87
C HIS A 102 8.71 7.39 5.52
N VAL A 103 8.97 8.68 5.73
CA VAL A 103 7.96 9.61 6.22
C VAL A 103 7.79 10.73 5.22
N PRO A 104 6.79 10.64 4.32
CA PRO A 104 6.51 11.74 3.41
C PRO A 104 5.94 12.94 4.16
N GLU A 105 6.02 14.15 3.56
CA GLU A 105 6.60 14.41 2.24
C GLU A 105 8.12 14.44 2.31
N GLY A 106 8.74 14.14 1.16
CA GLY A 106 10.18 13.92 1.13
C GLY A 106 10.98 15.16 1.46
N ALA A 107 10.48 16.33 1.10
CA ALA A 107 11.28 17.55 1.26
C ALA A 107 11.11 18.22 2.62
N THR A 108 10.04 17.89 3.36
CA THR A 108 9.75 18.56 4.62
C THR A 108 10.63 18.02 5.75
N PRO A 109 11.37 18.88 6.45
CA PRO A 109 12.11 18.40 7.63
C PRO A 109 11.17 18.02 8.76
N LYS A 110 11.55 16.98 9.49
CA LYS A 110 10.78 16.48 10.61
C LYS A 110 11.75 16.02 11.68
N ASP A 111 11.37 16.20 12.93
CA ASP A 111 12.21 15.74 14.03
C ASP A 111 11.32 15.47 15.24
N GLY A 112 11.95 14.95 16.30
CA GLY A 112 11.31 14.73 17.58
C GLY A 112 11.03 13.27 17.82
N PRO A 113 10.79 12.91 19.09
CA PRO A 113 10.53 11.51 19.44
C PRO A 113 9.09 11.06 19.38
N SER A 114 8.12 11.94 19.13
CA SER A 114 6.74 11.50 19.38
C SER A 114 6.21 10.48 18.38
N ALA A 115 6.97 10.12 17.34
CA ALA A 115 6.53 9.11 16.37
C ALA A 115 7.03 7.70 16.69
N GLY A 116 7.66 7.49 17.86
CA GLY A 116 8.16 6.19 18.27
C GLY A 116 7.16 5.04 18.19
N CYS A 117 6.05 5.15 18.92
CA CYS A 117 4.98 4.15 18.83
C CYS A 117 4.47 3.99 17.40
N THR A 118 4.32 5.11 16.66
CA THR A 118 3.91 5.00 15.26
C THR A 118 4.86 4.11 14.48
N ILE A 119 6.17 4.27 14.70
CA ILE A 119 7.16 3.48 13.96
C ILE A 119 7.11 2.01 14.39
N VAL A 120 6.97 1.76 15.70
CA VAL A 120 6.79 0.39 16.21
C VAL A 120 5.62 -0.27 15.53
N THR A 121 4.47 0.43 15.51
CA THR A 121 3.26 -0.12 14.91
C THR A 121 3.45 -0.38 13.42
N ALA A 122 4.14 0.52 12.73
CA ALA A 122 4.36 0.33 11.30
C ALA A 122 5.19 -0.92 11.02
N LEU A 123 6.24 -1.12 11.81
CA LEU A 123 7.08 -2.31 11.65
C LEU A 123 6.31 -3.60 11.97
N LEU A 124 5.55 -3.62 13.08
CA LEU A 124 4.76 -4.81 13.37
C LEU A 124 3.71 -5.07 12.30
N SER A 125 3.02 -4.02 11.86
CA SER A 125 2.04 -4.13 10.78
C SER A 125 2.67 -4.70 9.52
N LEU A 126 3.87 -4.25 9.17
CA LEU A 126 4.56 -4.80 8.01
C LEU A 126 4.93 -6.26 8.24
N ALA A 127 5.49 -6.56 9.41
CA ALA A 127 5.97 -7.92 9.69
C ALA A 127 4.82 -8.90 9.85
N MET A 128 3.66 -8.46 10.31
CA MET A 128 2.52 -9.34 10.39
C MET A 128 1.70 -9.36 9.10
N GLY A 129 2.00 -8.46 8.17
CA GLY A 129 1.18 -8.38 6.95
C GLY A 129 -0.27 -8.11 7.26
N ARG A 130 -0.53 -7.26 8.25
CA ARG A 130 -1.86 -6.89 8.70
C ARG A 130 -1.99 -5.37 8.81
N PRO A 131 -3.02 -4.76 8.22
CA PRO A 131 -3.17 -3.33 8.39
C PRO A 131 -3.67 -3.02 9.79
N VAL A 132 -3.34 -1.81 10.25
CA VAL A 132 -3.85 -1.32 11.53
C VAL A 132 -5.28 -0.84 11.34
N ARG A 133 -6.00 -0.75 12.46
CA ARG A 133 -7.34 -0.18 12.48
C ARG A 133 -7.42 1.12 11.68
N GLN A 134 -8.42 1.20 10.81
CA GLN A 134 -8.59 2.38 9.98
C GLN A 134 -9.05 3.59 10.80
N ASN A 135 -8.67 4.77 10.32
CA ASN A 135 -9.01 6.06 10.96
C ASN A 135 -8.43 6.18 12.37
N LEU A 136 -7.21 5.71 12.54
CA LEU A 136 -6.52 5.73 13.82
C LEU A 136 -5.25 6.56 13.69
N ALA A 137 -5.03 7.45 14.64
CA ALA A 137 -3.77 8.17 14.72
C ALA A 137 -3.22 8.03 16.14
N MET A 138 -1.90 8.14 16.24
CA MET A 138 -1.24 7.99 17.52
C MET A 138 -0.04 8.91 17.57
N THR A 139 0.38 9.20 18.80
CA THR A 139 1.59 9.95 19.08
C THR A 139 2.06 9.51 20.45
N GLY A 140 3.37 9.41 20.63
CA GLY A 140 3.91 8.94 21.88
C GLY A 140 5.37 8.52 21.73
N GLU A 141 6.19 8.97 22.66
CA GLU A 141 7.57 8.54 22.71
C GLU A 141 7.64 7.12 23.24
N VAL A 142 8.55 6.31 22.69
CA VAL A 142 8.68 4.92 23.08
C VAL A 142 10.01 4.71 23.77
N SER A 143 9.96 4.14 24.98
CA SER A 143 11.12 3.69 25.73
C SER A 143 11.69 2.39 25.13
N LEU A 144 12.92 2.05 25.53
CA LEU A 144 13.54 0.83 25.03
C LEU A 144 12.80 -0.42 25.50
N THR A 145 12.20 -0.37 26.68
CA THR A 145 11.32 -1.42 27.18
C THR A 145 9.85 -1.27 26.75
N GLY A 146 9.52 -0.27 25.93
CA GLY A 146 8.15 -0.08 25.48
C GLY A 146 7.26 0.80 26.32
N LYS A 147 7.82 1.58 27.24
CA LYS A 147 7.00 2.55 27.95
C LYS A 147 6.68 3.71 27.02
N ILE A 148 5.49 4.25 27.17
CA ILE A 148 5.01 5.35 26.36
C ILE A 148 5.17 6.62 27.19
N LEU A 149 5.97 7.54 26.71
CA LEU A 149 6.31 8.76 27.42
C LEU A 149 5.56 9.97 26.83
N PRO A 150 5.26 10.97 27.66
CA PRO A 150 4.44 12.09 27.17
C PRO A 150 5.15 12.88 26.09
N VAL A 151 4.34 13.59 25.30
CA VAL A 151 4.81 14.34 24.14
C VAL A 151 4.19 15.72 24.16
N GLY A 152 4.69 16.58 23.27
CA GLY A 152 4.17 17.91 23.13
C GLY A 152 3.12 18.01 22.04
N GLY A 153 2.51 19.19 21.97
CA GLY A 153 1.58 19.54 20.92
C GLY A 153 0.31 18.72 20.88
N ILE A 154 -0.17 18.25 22.04
CA ILE A 154 -1.34 17.38 22.04
C ILE A 154 -2.57 18.15 21.55
N LYS A 155 -2.71 19.40 21.98
CA LYS A 155 -3.85 20.20 21.53
C LYS A 155 -3.83 20.39 20.01
N GLU A 156 -2.67 20.78 19.46
CA GLU A 156 -2.57 21.00 18.02
C GLU A 156 -2.70 19.68 17.24
N LYS A 157 -2.11 18.61 17.78
CA LYS A 157 -2.18 17.32 17.10
C LYS A 157 -3.61 16.78 17.13
N THR A 158 -4.34 17.01 18.22
CA THR A 158 -5.71 16.49 18.32
C THR A 158 -6.64 17.22 17.36
N ILE A 159 -6.58 18.55 17.34
CA ILE A 159 -7.33 19.33 16.35
C ILE A 159 -7.02 18.86 14.93
N ALA A 160 -5.74 18.61 14.63
CA ALA A 160 -5.38 18.15 13.30
C ALA A 160 -5.97 16.77 13.01
N ALA A 161 -5.95 15.86 13.99
CA ALA A 161 -6.59 14.56 13.83
C ALA A 161 -8.09 14.71 13.56
N LYS A 162 -8.77 15.55 14.34
CA LYS A 162 -10.21 15.71 14.14
C LYS A 162 -10.50 16.22 12.74
N ARG A 163 -9.73 17.20 12.26
CA ARG A 163 -9.93 17.73 10.91
C ARG A 163 -9.69 16.68 9.84
N ALA A 164 -8.81 15.73 10.12
CA ALA A 164 -8.43 14.72 9.14
C ALA A 164 -9.35 13.51 9.13
N GLY A 165 -10.43 13.50 9.92
CA GLY A 165 -11.30 12.34 9.99
C GLY A 165 -10.85 11.21 10.90
N VAL A 166 -9.89 11.44 11.80
CA VAL A 166 -9.49 10.45 12.77
C VAL A 166 -10.63 10.25 13.78
N THR A 167 -11.07 9.01 13.94
CA THR A 167 -12.11 8.69 14.92
C THR A 167 -11.55 8.05 16.17
N CYS A 168 -10.33 7.54 16.09
CA CYS A 168 -9.67 6.87 17.20
C CYS A 168 -8.28 7.45 17.34
N ILE A 169 -7.98 8.05 18.50
CA ILE A 169 -6.69 8.69 18.74
C ILE A 169 -6.08 8.04 19.98
N VAL A 170 -4.78 7.72 19.90
CA VAL A 170 -4.04 7.07 20.99
C VAL A 170 -2.95 8.03 21.46
N LEU A 171 -2.90 8.28 22.77
CA LEU A 171 -2.08 9.32 23.37
C LEU A 171 -1.43 8.82 24.65
N PRO A 172 -0.26 9.36 25.00
CA PRO A 172 0.37 9.01 26.28
C PRO A 172 -0.51 9.42 27.47
N ALA A 173 -0.54 8.56 28.49
CA ALA A 173 -1.43 8.79 29.62
C ALA A 173 -1.14 10.11 30.32
N GLU A 174 0.11 10.53 30.38
CA GLU A 174 0.38 11.77 31.08
C GLU A 174 -0.01 13.01 30.27
N ASN A 175 -0.44 12.85 29.01
CA ASN A 175 -0.99 13.96 28.24
C ASN A 175 -2.50 14.10 28.39
N LYS A 176 -3.10 13.38 29.35
CA LYS A 176 -4.55 13.43 29.52
C LYS A 176 -5.06 14.84 29.79
N LYS A 177 -4.39 15.57 30.69
CA LYS A 177 -4.85 16.92 31.01
C LYS A 177 -4.80 17.84 29.80
N ASP A 178 -3.78 17.68 28.96
CA ASP A 178 -3.70 18.48 27.73
C ASP A 178 -4.87 18.19 26.81
N PHE A 179 -5.27 16.92 26.71
CA PHE A 179 -6.36 16.57 25.82
C PHE A 179 -7.65 17.24 26.27
N TYR A 180 -7.92 17.20 27.58
CA TYR A 180 -9.15 17.73 28.13
C TYR A 180 -9.09 19.25 28.30
N ASP A 181 -7.97 19.88 27.96
CA ASP A 181 -7.97 21.33 27.84
C ASP A 181 -8.65 21.79 26.57
N LEU A 182 -9.00 20.87 25.66
CA LEU A 182 -9.71 21.21 24.44
C LEU A 182 -11.20 21.36 24.70
N ALA A 183 -11.85 22.17 23.87
CA ALA A 183 -13.30 22.32 23.95
C ALA A 183 -14.01 21.01 23.60
N ALA A 184 -15.16 20.79 24.23
CA ALA A 184 -15.93 19.56 24.02
C ALA A 184 -16.21 19.28 22.55
N PHE A 185 -16.58 20.32 21.77
CA PHE A 185 -16.91 20.09 20.36
C PHE A 185 -15.72 19.56 19.55
N ILE A 186 -14.50 19.71 20.06
CA ILE A 186 -13.35 19.12 19.39
C ILE A 186 -13.21 17.65 19.74
N THR A 187 -13.34 17.32 21.02
CA THR A 187 -13.06 15.95 21.45
C THR A 187 -14.29 15.03 21.38
N GLU A 188 -15.50 15.59 21.42
CA GLU A 188 -16.68 14.78 21.18
C GLU A 188 -16.55 14.10 19.83
N GLY A 189 -16.95 12.83 19.78
CA GLY A 189 -16.78 12.04 18.59
C GLY A 189 -15.43 11.38 18.47
N LEU A 190 -14.46 11.76 19.29
CA LEU A 190 -13.15 11.11 19.31
C LEU A 190 -13.15 10.00 20.35
N GLU A 191 -12.91 8.78 19.91
CA GLU A 191 -12.58 7.69 20.81
C GLU A 191 -11.10 7.81 21.16
N VAL A 192 -10.80 8.08 22.43
CA VAL A 192 -9.43 8.35 22.86
C VAL A 192 -9.01 7.27 23.84
N HIS A 193 -7.77 6.82 23.71
CA HIS A 193 -7.15 5.84 24.60
C HIS A 193 -5.88 6.44 25.17
N PHE A 194 -5.77 6.48 26.49
CA PHE A 194 -4.55 6.94 27.16
C PHE A 194 -3.77 5.73 27.63
N VAL A 195 -2.53 5.60 27.16
CA VAL A 195 -1.76 4.37 27.30
C VAL A 195 -0.45 4.65 28.01
N GLU A 196 0.10 3.63 28.68
CA GLU A 196 1.41 3.70 29.30
C GLU A 196 2.45 2.75 28.73
N HIS A 197 2.04 1.63 28.13
CA HIS A 197 2.96 0.65 27.56
C HIS A 197 2.55 0.38 26.12
N TYR A 198 3.52 -0.01 25.28
CA TYR A 198 3.19 -0.24 23.88
C TYR A 198 2.14 -1.35 23.73
N ARG A 199 2.14 -2.36 24.62
CA ARG A 199 1.15 -3.44 24.53
C ARG A 199 -0.27 -2.88 24.41
N GLU A 200 -0.57 -1.78 25.12
CA GLU A 200 -1.92 -1.21 25.03
C GLU A 200 -2.18 -0.66 23.63
N ILE A 201 -1.18 -0.03 23.02
CA ILE A 201 -1.35 0.46 21.66
C ILE A 201 -1.57 -0.70 20.71
N PHE A 202 -0.73 -1.74 20.84
CA PHE A 202 -0.84 -2.92 19.99
C PHE A 202 -2.26 -3.47 19.98
N ASP A 203 -2.92 -3.51 21.15
CA ASP A 203 -4.26 -4.08 21.20
C ASP A 203 -5.33 -3.16 20.63
N ILE A 204 -5.10 -1.85 20.61
CA ILE A 204 -6.00 -0.95 19.90
C ILE A 204 -5.74 -1.01 18.41
N ALA A 205 -4.47 -0.98 18.02
CA ALA A 205 -4.12 -0.92 16.61
C ALA A 205 -4.52 -2.19 15.86
N PHE A 206 -4.37 -3.35 16.52
CA PHE A 206 -4.63 -4.66 15.93
C PHE A 206 -5.63 -5.36 16.83
N PRO A 207 -6.91 -4.97 16.78
CA PRO A 207 -7.87 -5.53 17.71
C PRO A 207 -8.13 -7.02 17.50
N ASP A 208 -7.96 -7.54 16.28
CA ASP A 208 -8.21 -8.96 16.05
C ASP A 208 -7.15 -9.86 16.66
N GLU A 209 -6.01 -9.31 17.09
CA GLU A 209 -5.00 -10.11 17.78
C GLU A 209 -5.33 -10.32 19.25
N GLN A 210 -6.42 -9.73 19.74
CA GLN A 210 -6.82 -9.81 21.14
C GLN A 210 -8.33 -9.94 21.27
N ALA A 211 -8.98 -10.57 20.29
CA ALA A 211 -10.44 -10.57 20.18
C ALA A 211 -11.01 -11.94 20.52
N GLU A 212 -12.29 -11.93 20.90
CA GLU A 212 -12.97 -13.17 21.28
C GLU A 212 -13.12 -14.08 20.07
N ALA A 213 -12.75 -15.34 20.25
CA ALA A 213 -12.67 -16.31 19.16
C ALA A 213 -13.37 -17.59 19.54
N LEU A 214 -13.71 -18.39 18.52
CA LEU A 214 -14.37 -19.69 18.69
C LEU A 214 -13.64 -20.74 17.89
N ALA A 215 -13.50 -21.93 18.46
CA ALA A 215 -12.86 -23.03 17.74
C ALA A 215 -13.88 -23.73 16.84
N VAL A 216 -13.37 -24.43 15.83
CA VAL A 216 -14.21 -25.21 14.92
C VAL A 216 -13.55 -26.55 14.60
N GLU B 13 14.97 20.26 -29.49
CA GLU B 13 15.97 21.14 -28.85
C GLU B 13 16.28 20.66 -27.41
N ARG B 14 16.47 19.35 -27.27
CA ARG B 14 16.77 18.68 -26.00
C ARG B 14 18.01 17.80 -26.15
N MET B 15 18.51 17.31 -25.01
CA MET B 15 19.74 16.49 -25.02
C MET B 15 19.55 15.12 -25.69
N TYR B 16 18.35 14.54 -25.65
CA TYR B 16 18.07 13.30 -26.36
C TYR B 16 16.88 13.52 -27.28
N ASP B 17 17.06 13.26 -28.56
CA ASP B 17 15.91 13.21 -29.46
C ASP B 17 15.18 11.87 -29.33
N VAL B 18 15.91 10.79 -29.08
CA VAL B 18 15.33 9.46 -28.89
C VAL B 18 15.94 8.85 -27.62
N THR B 19 15.08 8.53 -26.63
CA THR B 19 15.60 7.93 -25.38
C THR B 19 15.82 6.42 -25.55
N PRO B 20 17.00 5.92 -25.23
CA PRO B 20 17.22 4.46 -25.15
C PRO B 20 16.69 3.91 -23.83
N PRO B 21 16.80 2.60 -23.58
CA PRO B 21 16.36 2.08 -22.27
C PRO B 21 17.20 2.67 -21.15
N GLY B 22 16.55 2.97 -20.03
CA GLY B 22 17.22 3.56 -18.90
C GLY B 22 17.28 5.08 -18.87
N VAL B 23 16.66 5.75 -19.84
CA VAL B 23 16.71 7.20 -19.97
C VAL B 23 15.29 7.73 -19.99
N VAL B 24 15.00 8.68 -19.11
CA VAL B 24 13.64 9.23 -19.01
C VAL B 24 13.76 10.74 -18.90
N MET B 25 12.87 11.46 -19.58
CA MET B 25 12.88 12.92 -19.54
C MET B 25 12.11 13.39 -18.31
N GLY B 26 12.78 14.20 -17.48
CA GLY B 26 12.17 14.88 -16.36
C GLY B 26 12.07 16.38 -16.63
N LEU B 27 11.51 17.07 -15.63
CA LEU B 27 11.25 18.51 -15.71
C LEU B 27 11.69 19.18 -14.42
N ALA B 28 12.39 20.30 -14.54
CA ALA B 28 12.89 21.05 -13.41
C ALA B 28 12.50 22.52 -13.59
N TRP B 29 12.56 23.28 -12.50
CA TRP B 29 12.43 24.72 -12.59
C TRP B 29 13.40 25.43 -11.64
N THR B 30 13.73 26.66 -12.01
CA THR B 30 14.44 27.61 -11.15
C THR B 30 13.67 28.92 -11.15
N ALA B 31 14.23 29.93 -10.51
CA ALA B 31 13.58 31.25 -10.51
C ALA B 31 13.70 31.84 -11.91
N MET B 32 14.57 31.31 -12.73
CA MET B 32 14.70 31.83 -14.10
C MET B 32 13.76 31.09 -15.04
N GLY B 33 13.10 30.05 -14.57
CA GLY B 33 12.20 29.32 -15.47
C GLY B 33 12.38 27.83 -15.37
N GLY B 34 11.74 27.10 -16.27
CA GLY B 34 11.78 25.66 -16.28
C GLY B 34 12.73 25.09 -17.32
N SER B 35 13.03 23.81 -17.17
CA SER B 35 13.91 23.13 -18.11
C SER B 35 13.55 21.67 -18.11
N THR B 36 13.92 21.00 -19.19
CA THR B 36 13.90 19.55 -19.24
C THR B 36 15.24 19.00 -18.81
N LEU B 37 15.21 17.84 -18.18
CA LEU B 37 16.42 17.11 -17.91
C LEU B 37 16.19 15.63 -18.18
N PHE B 38 17.27 14.90 -18.29
CA PHE B 38 17.23 13.48 -18.56
C PHE B 38 17.86 12.74 -17.40
N VAL B 39 17.12 11.79 -16.85
CA VAL B 39 17.67 10.81 -15.92
C VAL B 39 18.30 9.67 -16.73
N GLU B 40 19.56 9.36 -16.45
CA GLU B 40 20.28 8.28 -17.13
C GLU B 40 20.61 7.16 -16.15
N THR B 41 20.39 5.92 -16.58
CA THR B 41 20.80 4.76 -15.80
C THR B 41 21.56 3.78 -16.69
N SER B 42 22.36 2.96 -16.03
CA SER B 42 23.26 2.09 -16.73
C SER B 42 23.78 1.06 -15.75
N LEU B 43 24.28 -0.05 -16.27
CA LEU B 43 24.98 -1.04 -15.47
C LEU B 43 26.43 -0.61 -15.22
N ARG B 44 26.98 -1.05 -14.08
CA ARG B 44 28.38 -0.84 -13.72
C ARG B 44 29.18 -2.13 -13.73
N ARG B 45 28.54 -3.25 -13.36
CA ARG B 45 29.14 -4.57 -13.31
C ARG B 45 28.12 -5.54 -13.88
N PRO B 46 28.47 -6.86 -14.04
CA PRO B 46 27.54 -7.93 -14.44
C PRO B 46 26.05 -7.75 -14.12
N ASP B 56 24.71 -8.97 -3.51
CA ASP B 56 23.48 -8.39 -4.04
C ASP B 56 23.70 -6.97 -4.57
N GLY B 57 22.65 -6.38 -5.14
CA GLY B 57 22.79 -5.24 -6.02
C GLY B 57 22.91 -3.91 -5.29
N SER B 58 23.25 -2.88 -6.07
CA SER B 58 23.57 -1.58 -5.49
C SER B 58 23.20 -0.47 -6.47
N LEU B 59 23.01 0.73 -5.92
CA LEU B 59 22.70 1.92 -6.70
C LEU B 59 23.69 3.01 -6.34
N GLU B 60 24.39 3.52 -7.36
CA GLU B 60 25.32 4.63 -7.26
C GLU B 60 24.70 5.80 -8.02
N VAL B 61 24.74 6.99 -7.42
CA VAL B 61 24.03 8.16 -7.92
C VAL B 61 25.01 9.33 -8.09
N THR B 62 25.00 9.94 -9.27
CA THR B 62 25.78 11.15 -9.52
C THR B 62 24.91 12.24 -10.14
N GLY B 63 25.47 13.45 -10.20
CA GLY B 63 24.83 14.58 -10.85
C GLY B 63 24.63 15.80 -9.96
N GLN B 64 25.42 15.92 -8.89
CA GLN B 64 25.33 17.03 -7.95
C GLN B 64 23.96 17.09 -7.31
N LEU B 65 23.51 15.94 -6.82
CA LEU B 65 22.22 15.83 -6.18
C LEU B 65 22.29 16.28 -4.72
N GLY B 66 21.35 17.14 -4.34
CA GLY B 66 21.15 17.50 -2.96
C GLY B 66 20.49 16.34 -2.21
N GLU B 67 20.44 16.48 -0.89
CA GLU B 67 20.12 15.28 -0.13
C GLU B 67 18.63 14.89 -0.21
N VAL B 68 17.73 15.84 -0.43
CA VAL B 68 16.35 15.47 -0.72
C VAL B 68 16.26 14.64 -2.01
N MET B 69 16.99 15.04 -3.04
CA MET B 69 16.95 14.27 -4.28
C MET B 69 17.66 12.92 -4.11
N LYS B 70 18.72 12.86 -3.31
CA LYS B 70 19.38 11.58 -3.06
C LYS B 70 18.45 10.63 -2.34
N GLU B 71 17.66 11.14 -1.38
CA GLU B 71 16.73 10.27 -0.69
C GLU B 71 15.60 9.86 -1.60
N SER B 72 15.24 10.73 -2.52
CA SER B 72 14.20 10.40 -3.46
C SER B 72 14.61 9.27 -4.40
N ALA B 73 15.91 9.13 -4.67
CA ALA B 73 16.39 8.02 -5.49
C ALA B 73 16.37 6.72 -4.71
N ARG B 74 16.69 6.78 -3.42
CA ARG B 74 16.58 5.60 -2.57
C ARG B 74 15.14 5.10 -2.53
N ILE B 75 14.19 6.03 -2.32
CA ILE B 75 12.78 5.65 -2.31
C ILE B 75 12.38 5.04 -3.65
N ALA B 76 12.80 5.65 -4.75
CA ALA B 76 12.43 5.14 -6.06
C ALA B 76 13.04 3.76 -6.32
N TYR B 77 14.29 3.56 -5.88
CA TYR B 77 14.96 2.27 -6.02
C TYR B 77 14.22 1.18 -5.24
N THR B 78 13.81 1.47 -4.00
CA THR B 78 13.06 0.48 -3.23
C THR B 78 11.71 0.20 -3.89
N PHE B 79 11.01 1.25 -4.31
CA PHE B 79 9.72 1.02 -4.95
C PHE B 79 9.90 0.22 -6.26
N ALA B 80 10.89 0.61 -7.07
CA ALA B 80 11.10 -0.06 -8.35
C ALA B 80 11.39 -1.54 -8.17
N ARG B 81 12.21 -1.88 -7.17
CA ARG B 81 12.49 -3.28 -6.86
C ARG B 81 11.21 -4.03 -6.52
N ALA B 82 10.36 -3.42 -5.69
CA ALA B 82 9.09 -4.04 -5.31
C ALA B 82 8.14 -4.08 -6.49
N PHE B 83 8.08 -3.00 -7.28
CA PHE B 83 7.14 -2.96 -8.37
C PHE B 83 7.46 -4.07 -9.36
N LEU B 84 8.74 -4.28 -9.63
CA LEU B 84 9.12 -5.25 -10.64
C LEU B 84 9.11 -6.67 -10.10
N MET B 85 9.13 -6.82 -8.77
CA MET B 85 8.92 -8.14 -8.22
C MET B 85 7.46 -8.55 -8.27
N GLN B 86 6.55 -7.60 -8.40
CA GLN B 86 5.13 -7.91 -8.56
C GLN B 86 4.75 -8.14 -10.01
N HIS B 87 5.15 -7.23 -10.90
CA HIS B 87 4.63 -7.37 -12.24
CA HIS B 87 4.74 -7.24 -12.30
C HIS B 87 5.51 -8.26 -13.13
N ALA B 88 6.74 -8.57 -12.70
CA ALA B 88 7.61 -9.47 -13.44
C ALA B 88 8.54 -10.19 -12.47
N PRO B 89 8.03 -11.18 -11.73
CA PRO B 89 8.85 -11.82 -10.68
C PRO B 89 10.09 -12.53 -11.21
N ALA B 90 10.08 -12.96 -12.47
CA ALA B 90 11.25 -13.65 -13.00
C ALA B 90 12.42 -12.73 -13.30
N ASN B 91 12.23 -11.42 -13.19
CA ASN B 91 13.26 -10.44 -13.54
C ASN B 91 14.04 -10.04 -12.29
N ASP B 92 15.32 -10.38 -12.25
CA ASP B 92 16.18 -10.11 -11.11
C ASP B 92 17.09 -8.89 -11.32
N TYR B 93 16.92 -8.14 -12.40
CA TYR B 93 17.93 -7.15 -12.76
C TYR B 93 18.09 -6.08 -11.67
N LEU B 94 16.99 -5.67 -11.06
CA LEU B 94 17.12 -4.62 -10.04
C LEU B 94 17.59 -5.16 -8.70
N VAL B 95 17.40 -6.45 -8.45
CA VAL B 95 17.83 -7.03 -7.19
C VAL B 95 19.33 -7.32 -7.17
N THR B 96 19.92 -7.67 -8.32
CA THR B 96 21.28 -8.20 -8.38
C THR B 96 22.29 -7.29 -9.05
N SER B 97 21.86 -6.29 -9.81
CA SER B 97 22.79 -5.54 -10.62
C SER B 97 23.35 -4.36 -9.86
N HIS B 98 24.49 -3.89 -10.34
CA HIS B 98 25.12 -2.69 -9.85
C HIS B 98 24.77 -1.62 -10.84
N ILE B 99 23.85 -0.76 -10.46
CA ILE B 99 23.30 0.25 -11.34
C ILE B 99 23.94 1.57 -10.99
N HIS B 100 24.16 2.41 -12.00
CA HIS B 100 24.61 3.78 -11.84
C HIS B 100 23.52 4.71 -12.38
N LEU B 101 23.13 5.71 -11.59
CA LEU B 101 22.12 6.70 -12.00
C LEU B 101 22.80 8.07 -12.06
N HIS B 102 22.63 8.76 -13.18
CA HIS B 102 23.25 10.05 -13.41
C HIS B 102 22.24 11.05 -13.94
N VAL B 103 22.29 12.28 -13.44
CA VAL B 103 21.45 13.35 -13.97
C VAL B 103 22.33 14.46 -14.53
N PRO B 104 22.63 14.46 -15.82
CA PRO B 104 23.43 15.56 -16.39
C PRO B 104 22.63 16.86 -16.34
N GLU B 105 23.30 18.01 -16.42
CA GLU B 105 24.75 18.17 -16.60
C GLU B 105 25.45 17.97 -15.28
N GLY B 106 26.74 17.63 -15.35
CA GLY B 106 27.43 17.16 -14.17
C GLY B 106 27.60 18.24 -13.13
N ALA B 107 27.82 19.49 -13.57
CA ALA B 107 28.15 20.57 -12.65
C ALA B 107 26.93 21.28 -12.08
N THR B 108 25.77 21.12 -12.69
CA THR B 108 24.59 21.86 -12.24
C THR B 108 24.00 21.23 -10.98
N PRO B 109 23.89 21.99 -9.87
CA PRO B 109 23.24 21.47 -8.66
C PRO B 109 21.76 21.20 -8.89
N LYS B 110 21.30 20.06 -8.43
CA LYS B 110 19.92 19.65 -8.53
C LYS B 110 19.42 19.24 -7.16
N ASP B 111 18.18 19.56 -6.85
CA ASP B 111 17.59 19.08 -5.60
C ASP B 111 16.08 18.95 -5.74
N GLY B 112 15.46 18.31 -4.76
CA GLY B 112 14.03 18.21 -4.67
C GLY B 112 13.54 16.82 -4.96
N PRO B 113 12.32 16.52 -4.52
CA PRO B 113 11.74 15.18 -4.71
C PRO B 113 10.98 14.98 -6.01
N SER B 114 10.80 15.99 -6.84
CA SER B 114 9.86 15.82 -7.95
C SER B 114 10.37 14.90 -9.06
N ALA B 115 11.59 14.39 -8.99
CA ALA B 115 12.06 13.46 -10.01
C ALA B 115 11.86 11.99 -9.60
N GLY B 116 11.16 11.73 -8.50
CA GLY B 116 10.91 10.37 -8.05
C GLY B 116 10.34 9.41 -9.09
N CYS B 117 9.15 9.70 -9.64
CA CYS B 117 8.60 8.85 -10.70
C CYS B 117 9.56 8.71 -11.88
N THR B 118 10.23 9.80 -12.26
CA THR B 118 11.21 9.75 -13.34
C THR B 118 12.28 8.70 -13.06
N ILE B 119 12.75 8.63 -11.82
CA ILE B 119 13.79 7.65 -11.49
C ILE B 119 13.23 6.23 -11.53
N VAL B 120 12.04 6.01 -10.96
CA VAL B 120 11.40 4.70 -11.04
C VAL B 120 11.30 4.26 -12.49
N THR B 121 10.76 5.12 -13.34
CA THR B 121 10.61 4.77 -14.74
C THR B 121 11.95 4.45 -15.39
N ALA B 122 13.00 5.23 -15.06
CA ALA B 122 14.32 4.95 -15.63
C ALA B 122 14.83 3.58 -15.19
N LEU B 123 14.68 3.26 -13.90
CA LEU B 123 15.14 1.96 -13.39
C LEU B 123 14.36 0.81 -14.02
N LEU B 124 13.03 0.94 -14.12
CA LEU B 124 12.24 -0.12 -14.75
C LEU B 124 12.56 -0.24 -16.24
N SER B 125 12.69 0.90 -16.93
CA SER B 125 13.05 0.88 -18.34
C SER B 125 14.36 0.13 -18.57
N LEU B 126 15.37 0.39 -17.74
CA LEU B 126 16.65 -0.30 -17.85
C LEU B 126 16.51 -1.79 -17.56
N ALA B 127 15.76 -2.15 -16.52
CA ALA B 127 15.65 -3.55 -16.08
C ALA B 127 14.87 -4.39 -17.09
N MET B 128 13.91 -3.77 -17.78
CA MET B 128 13.17 -4.46 -18.81
C MET B 128 13.83 -4.36 -20.18
N GLY B 129 14.89 -3.56 -20.30
CA GLY B 129 15.51 -3.32 -21.60
C GLY B 129 14.55 -2.76 -22.61
N ARG B 130 13.62 -1.93 -22.16
CA ARG B 130 12.56 -1.39 -23.01
C ARG B 130 12.54 0.13 -22.89
N PRO B 131 12.57 0.86 -24.00
CA PRO B 131 12.59 2.32 -23.91
C PRO B 131 11.24 2.86 -23.52
N VAL B 132 11.28 4.05 -22.92
CA VAL B 132 10.06 4.76 -22.55
C VAL B 132 9.43 5.35 -23.81
N ARG B 133 8.12 5.58 -23.75
CA ARG B 133 7.42 6.29 -24.83
C ARG B 133 8.19 7.55 -25.21
N GLN B 134 8.39 7.75 -26.50
CA GLN B 134 9.12 8.92 -26.98
C GLN B 134 8.29 10.20 -26.80
N ASN B 135 9.01 11.32 -26.66
CA ASN B 135 8.39 12.64 -26.53
C ASN B 135 7.49 12.70 -25.30
N LEU B 136 7.91 12.03 -24.24
CA LEU B 136 7.17 11.97 -23.00
C LEU B 136 8.04 12.55 -21.87
N ALA B 137 7.45 13.43 -21.07
CA ALA B 137 8.09 13.93 -19.87
C ALA B 137 7.16 13.76 -18.67
N MET B 138 7.77 13.69 -17.48
CA MET B 138 6.98 13.48 -16.27
C MET B 138 7.62 14.24 -15.12
N THR B 139 6.82 14.50 -14.09
CA THR B 139 7.32 15.09 -12.86
C THR B 139 6.39 14.65 -11.74
N GLY B 140 6.94 14.36 -10.55
CA GLY B 140 6.09 13.88 -9.47
C GLY B 140 6.84 13.16 -8.37
N GLU B 141 6.52 13.51 -7.11
CA GLU B 141 7.12 12.84 -5.98
C GLU B 141 6.51 11.45 -5.81
N VAL B 142 7.34 10.48 -5.44
CA VAL B 142 6.89 9.12 -5.23
C VAL B 142 7.09 8.75 -3.76
N SER B 143 6.02 8.30 -3.11
CA SER B 143 6.09 7.72 -1.77
C SER B 143 6.66 6.30 -1.82
N LEU B 144 6.95 5.75 -0.64
CA LEU B 144 7.51 4.40 -0.58
C LEU B 144 6.57 3.33 -1.13
N THR B 145 5.25 3.52 -1.01
CA THR B 145 4.31 2.59 -1.65
C THR B 145 3.98 3.00 -3.08
N GLY B 146 4.56 4.07 -3.60
CA GLY B 146 4.31 4.47 -4.97
C GLY B 146 3.17 5.45 -5.19
N LYS B 147 2.65 6.07 -4.13
CA LYS B 147 1.69 7.13 -4.36
C LYS B 147 2.44 8.31 -4.97
N ILE B 148 1.76 9.03 -5.83
CA ILE B 148 2.33 10.18 -6.53
C ILE B 148 1.81 11.45 -5.85
N LEU B 149 2.72 12.25 -5.29
CA LEU B 149 2.43 13.44 -4.51
C LEU B 149 2.71 14.70 -5.31
N PRO B 150 1.98 15.79 -5.05
CA PRO B 150 2.11 17.01 -5.87
C PRO B 150 3.48 17.67 -5.75
N VAL B 151 3.82 18.50 -6.74
CA VAL B 151 5.14 19.11 -6.88
C VAL B 151 5.02 20.60 -7.19
N GLY B 152 6.15 21.29 -7.14
CA GLY B 152 6.17 22.69 -7.46
C GLY B 152 6.48 22.96 -8.93
N GLY B 153 6.30 24.22 -9.33
CA GLY B 153 6.73 24.69 -10.63
C GLY B 153 6.03 24.05 -11.80
N ILE B 154 4.76 23.67 -11.63
CA ILE B 154 4.07 22.99 -12.71
C ILE B 154 3.92 23.90 -13.92
N LYS B 155 3.62 25.18 -13.69
CA LYS B 155 3.46 26.09 -14.82
C LYS B 155 4.77 26.22 -15.59
N GLU B 156 5.88 26.41 -14.88
CA GLU B 156 7.17 26.55 -15.54
C GLU B 156 7.60 25.25 -16.21
N LYS B 157 7.36 24.10 -15.58
CA LYS B 157 7.77 22.83 -16.19
C LYS B 157 6.97 22.54 -17.45
N THR B 158 5.68 22.88 -17.43
CA THR B 158 4.86 22.62 -18.62
C THR B 158 5.28 23.52 -19.78
N ILE B 159 5.46 24.82 -19.54
CA ILE B 159 5.99 25.69 -20.59
C ILE B 159 7.30 25.15 -21.14
N ALA B 160 8.19 24.71 -20.25
CA ALA B 160 9.46 24.17 -20.68
C ALA B 160 9.28 22.87 -21.48
N ALA B 161 8.37 22.00 -21.03
CA ALA B 161 8.08 20.77 -21.79
C ALA B 161 7.63 21.09 -23.21
N LYS B 162 6.69 22.04 -23.34
CA LYS B 162 6.19 22.40 -24.66
C LYS B 162 7.29 22.94 -25.55
N ARG B 163 8.19 23.77 -25.01
CA ARG B 163 9.31 24.29 -25.79
C ARG B 163 10.25 23.18 -26.26
N ALA B 164 10.34 22.08 -25.51
CA ALA B 164 11.24 20.98 -25.84
C ALA B 164 10.63 19.95 -26.79
N GLY B 165 9.41 20.19 -27.29
CA GLY B 165 8.76 19.22 -28.17
C GLY B 165 8.07 18.06 -27.48
N VAL B 166 7.85 18.15 -26.17
CA VAL B 166 7.10 17.10 -25.47
C VAL B 166 5.67 17.11 -25.94
N THR B 167 5.17 15.94 -26.36
CA THR B 167 3.77 15.85 -26.74
C THR B 167 2.91 15.23 -25.66
N CYS B 168 3.49 14.49 -24.73
CA CYS B 168 2.75 13.77 -23.71
C CYS B 168 3.40 14.03 -22.35
N ILE B 169 2.64 14.59 -21.41
CA ILE B 169 3.16 14.98 -20.09
C ILE B 169 2.36 14.29 -19.00
N VAL B 170 3.06 13.83 -17.96
CA VAL B 170 2.49 13.13 -16.81
C VAL B 170 2.71 13.98 -15.57
N LEU B 171 1.62 14.25 -14.83
CA LEU B 171 1.62 15.21 -13.73
C LEU B 171 0.83 14.63 -12.56
N PRO B 172 1.17 15.01 -11.35
CA PRO B 172 0.37 14.57 -10.20
C PRO B 172 -1.05 15.12 -10.33
N ALA B 173 -2.02 14.28 -9.95
CA ALA B 173 -3.42 14.68 -10.08
C ALA B 173 -3.70 15.95 -9.29
N GLU B 174 -3.05 16.13 -8.14
CA GLU B 174 -3.36 17.31 -7.34
C GLU B 174 -2.74 18.59 -7.89
N ASN B 175 -1.86 18.49 -8.89
CA ASN B 175 -1.34 19.64 -9.62
C ASN B 175 -2.23 20.07 -10.79
N LYS B 176 -3.46 19.54 -10.85
CA LYS B 176 -4.39 19.85 -11.93
C LYS B 176 -4.71 21.35 -12.02
N LYS B 177 -4.98 22.00 -10.89
CA LYS B 177 -5.32 23.42 -10.96
C LYS B 177 -4.14 24.22 -11.51
N ASP B 178 -2.93 23.85 -11.12
CA ASP B 178 -1.75 24.57 -11.60
C ASP B 178 -1.65 24.49 -13.11
N PHE B 179 -1.96 23.33 -13.67
CA PHE B 179 -1.89 23.14 -15.11
C PHE B 179 -2.91 24.01 -15.84
N TYR B 180 -4.14 24.11 -15.33
CA TYR B 180 -5.18 24.85 -16.01
C TYR B 180 -5.13 26.35 -15.76
N ASP B 181 -4.18 26.81 -14.95
CA ASP B 181 -3.92 28.22 -14.85
C ASP B 181 -3.13 28.75 -16.04
N LEU B 182 -2.64 27.85 -16.90
CA LEU B 182 -1.94 28.26 -18.10
C LEU B 182 -2.91 28.61 -19.24
N ALA B 183 -2.46 29.50 -20.13
CA ALA B 183 -3.22 29.85 -21.32
C ALA B 183 -3.35 28.65 -22.27
N ALA B 184 -4.50 28.60 -22.97
CA ALA B 184 -4.81 27.50 -23.88
C ALA B 184 -3.72 27.28 -24.92
N PHE B 185 -3.12 28.36 -25.44
CA PHE B 185 -2.11 28.18 -26.48
C PHE B 185 -0.88 27.44 -25.98
N ILE B 186 -0.67 27.35 -24.67
CA ILE B 186 0.43 26.54 -24.15
C ILE B 186 0.03 25.07 -24.04
N THR B 187 -1.18 24.79 -23.56
CA THR B 187 -1.58 23.41 -23.28
C THR B 187 -2.22 22.69 -24.48
N GLU B 188 -2.81 23.41 -25.43
CA GLU B 188 -3.38 22.77 -26.62
C GLU B 188 -2.33 21.91 -27.31
N GLY B 189 -2.76 20.74 -27.77
CA GLY B 189 -1.86 19.80 -28.42
C GLY B 189 -1.10 18.91 -27.48
N LEU B 190 -1.12 19.19 -26.18
CA LEU B 190 -0.46 18.37 -25.18
C LEU B 190 -1.40 17.28 -24.67
N GLU B 191 -0.97 16.02 -24.79
CA GLU B 191 -1.63 14.91 -24.11
C GLU B 191 -1.20 14.90 -22.65
N VAL B 192 -2.15 15.12 -21.74
CA VAL B 192 -1.87 15.28 -20.32
C VAL B 192 -2.50 14.13 -19.56
N HIS B 193 -1.74 13.54 -18.65
CA HIS B 193 -2.22 12.46 -17.78
C HIS B 193 -1.98 12.87 -16.34
N PHE B 194 -3.04 12.89 -15.56
CA PHE B 194 -2.99 13.22 -14.14
C PHE B 194 -3.05 11.91 -13.37
N VAL B 195 -2.05 11.67 -12.53
CA VAL B 195 -1.86 10.36 -11.92
C VAL B 195 -1.84 10.48 -10.40
N GLU B 196 -2.25 9.41 -9.75
CA GLU B 196 -2.22 9.30 -8.30
C GLU B 196 -1.29 8.22 -7.79
N HIS B 197 -1.04 7.20 -8.59
CA HIS B 197 -0.14 6.12 -8.20
C HIS B 197 0.81 5.83 -9.34
N TYR B 198 2.00 5.32 -9.01
CA TYR B 198 2.96 5.02 -10.06
C TYR B 198 2.39 4.01 -11.04
N ARG B 199 1.52 3.10 -10.58
CA ARG B 199 0.96 2.07 -11.45
C ARG B 199 0.38 2.69 -12.72
N GLU B 200 -0.25 3.87 -12.59
CA GLU B 200 -0.82 4.54 -13.76
C GLU B 200 0.27 5.07 -14.68
N ILE B 201 1.38 5.54 -14.11
CA ILE B 201 2.51 6.01 -14.90
C ILE B 201 3.07 4.88 -15.75
N PHE B 202 3.21 3.70 -15.15
CA PHE B 202 3.76 2.55 -15.86
C PHE B 202 3.05 2.32 -17.19
N ASP B 203 1.73 2.39 -17.19
CA ASP B 203 0.97 2.04 -18.38
C ASP B 203 1.06 3.11 -19.46
N ILE B 204 1.38 4.35 -19.09
CA ILE B 204 1.65 5.39 -20.07
C ILE B 204 3.06 5.27 -20.62
N ALA B 205 4.04 5.11 -19.74
CA ALA B 205 5.44 5.11 -20.16
C ALA B 205 5.76 3.88 -21.00
N PHE B 206 5.16 2.73 -20.66
CA PHE B 206 5.42 1.46 -21.34
C PHE B 206 4.11 0.85 -21.85
N PRO B 207 3.54 1.39 -22.93
CA PRO B 207 2.32 0.78 -23.50
C PRO B 207 2.62 -0.58 -24.14
N ASP B 208 2.03 -1.65 -23.59
CA ASP B 208 2.27 -3.02 -24.09
C ASP B 208 1.63 -3.21 -25.47
N ASP C 4 -3.99 14.82 -27.81
CA ASP C 4 -4.33 16.13 -27.26
C ASP C 4 -5.61 16.10 -26.41
N LYS C 5 -5.62 15.24 -25.38
CA LYS C 5 -6.75 15.13 -24.46
C LYS C 5 -6.22 14.90 -23.05
N ILE C 6 -7.03 15.23 -22.05
CA ILE C 6 -6.67 15.09 -20.65
C ILE C 6 -7.21 13.76 -20.14
N HIS C 7 -6.32 12.90 -19.66
CA HIS C 7 -6.67 11.60 -19.09
C HIS C 7 -6.46 11.65 -17.58
N HIS C 8 -7.54 11.46 -16.81
CA HIS C 8 -7.48 11.46 -15.36
C HIS C 8 -7.48 10.02 -14.86
N HIS C 9 -6.42 9.64 -14.17
CA HIS C 9 -6.25 8.29 -13.63
C HIS C 9 -6.48 8.29 -12.13
N HIS C 10 -7.39 7.42 -11.67
CA HIS C 10 -7.67 7.28 -10.25
C HIS C 10 -7.03 5.99 -9.73
N HIS C 11 -6.53 6.03 -8.49
CA HIS C 11 -6.10 4.85 -7.78
C HIS C 11 -7.12 4.53 -6.69
N HIS C 12 -7.45 3.26 -6.55
CA HIS C 12 -8.33 2.81 -5.48
C HIS C 12 -7.47 2.27 -4.36
N GLU C 13 -7.70 2.78 -3.15
CA GLU C 13 -6.95 2.40 -1.97
C GLU C 13 -7.64 1.24 -1.27
N ARG C 14 -6.91 0.18 -1.03
CA ARG C 14 -7.46 -0.96 -0.33
C ARG C 14 -6.61 -1.18 0.92
N MET C 15 -7.14 -1.95 1.87
CA MET C 15 -6.37 -2.25 3.06
C MET C 15 -5.23 -3.24 2.77
N TYR C 16 -5.21 -3.87 1.60
CA TYR C 16 -4.06 -4.62 1.11
C TYR C 16 -3.71 -4.12 -0.28
N ASP C 17 -2.44 -3.75 -0.49
CA ASP C 17 -2.02 -3.55 -1.87
C ASP C 17 -1.65 -4.87 -2.54
N VAL C 18 -0.91 -5.70 -1.83
CA VAL C 18 -0.49 -7.00 -2.30
C VAL C 18 -0.87 -7.96 -1.20
N THR C 19 -1.75 -8.91 -1.52
CA THR C 19 -2.23 -9.83 -0.51
C THR C 19 -1.11 -10.80 -0.16
N PRO C 20 -0.76 -10.93 1.11
CA PRO C 20 0.18 -11.96 1.54
C PRO C 20 -0.51 -13.33 1.60
N PRO C 21 0.24 -14.40 1.90
CA PRO C 21 -0.40 -15.72 1.98
C PRO C 21 -1.42 -15.78 3.12
N GLY C 22 -2.53 -16.44 2.86
CA GLY C 22 -3.60 -16.49 3.82
C GLY C 22 -4.60 -15.35 3.74
N VAL C 23 -4.48 -14.45 2.77
CA VAL C 23 -5.34 -13.28 2.64
C VAL C 23 -5.97 -13.30 1.25
N VAL C 24 -7.31 -13.21 1.21
CA VAL C 24 -8.08 -13.31 -0.03
C VAL C 24 -9.17 -12.24 -0.04
N MET C 25 -9.39 -11.62 -1.20
CA MET C 25 -10.45 -10.62 -1.29
C MET C 25 -11.78 -11.30 -1.59
N GLY C 26 -12.75 -11.10 -0.71
CA GLY C 26 -14.12 -11.51 -0.99
C GLY C 26 -14.97 -10.28 -1.25
N LEU C 27 -16.22 -10.56 -1.59
CA LEU C 27 -17.19 -9.54 -1.92
C LEU C 27 -18.41 -9.81 -1.07
N ALA C 28 -18.90 -8.80 -0.38
CA ALA C 28 -19.99 -9.03 0.55
C ALA C 28 -21.21 -8.18 0.20
N TRP C 29 -22.36 -8.71 0.54
CA TRP C 29 -23.61 -7.98 0.48
C TRP C 29 -23.80 -7.34 1.85
N THR C 30 -24.13 -6.05 1.87
CA THR C 30 -24.34 -5.38 3.15
C THR C 30 -25.71 -4.71 3.18
N ALA C 31 -26.10 -4.27 4.38
CA ALA C 31 -27.31 -3.48 4.51
C ALA C 31 -27.24 -2.16 3.76
N MET C 32 -26.04 -1.65 3.49
CA MET C 32 -25.86 -0.39 2.78
C MET C 32 -25.41 -0.57 1.34
N GLY C 33 -25.29 -1.80 0.86
CA GLY C 33 -24.83 -1.98 -0.50
C GLY C 33 -23.78 -3.06 -0.54
N GLY C 34 -22.80 -2.95 -1.44
CA GLY C 34 -21.75 -3.93 -1.54
C GLY C 34 -20.47 -3.42 -0.93
N SER C 35 -19.55 -4.35 -0.64
CA SER C 35 -18.26 -3.98 -0.09
C SER C 35 -17.29 -5.11 -0.37
N THR C 36 -16.00 -4.80 -0.29
CA THR C 36 -14.99 -5.85 -0.48
C THR C 36 -14.52 -6.20 0.93
N LEU C 37 -14.36 -7.46 1.24
CA LEU C 37 -13.91 -7.84 2.58
C LEU C 37 -12.73 -8.79 2.39
N PHE C 38 -11.76 -8.73 3.26
CA PHE C 38 -10.62 -9.63 3.09
C PHE C 38 -10.64 -10.71 4.15
N VAL C 39 -10.70 -11.97 3.75
CA VAL C 39 -10.55 -13.09 4.64
C VAL C 39 -9.07 -13.29 4.89
N GLU C 40 -8.69 -13.35 6.16
CA GLU C 40 -7.32 -13.55 6.61
C GLU C 40 -7.16 -14.83 7.43
N THR C 41 -6.07 -15.56 7.20
CA THR C 41 -5.73 -16.70 8.05
C THR C 41 -4.27 -16.55 8.51
N SER C 42 -3.96 -17.21 9.63
CA SER C 42 -2.65 -17.14 10.28
C SER C 42 -2.60 -18.23 11.35
N LEU C 43 -1.38 -18.54 11.79
CA LEU C 43 -1.07 -19.49 12.84
C LEU C 43 -1.37 -18.93 14.24
N ARG C 44 -1.46 -19.82 15.20
CA ARG C 44 -1.68 -19.47 16.59
C ARG C 44 -0.41 -19.78 17.39
N ARG C 45 -0.01 -18.85 18.26
CA ARG C 45 1.22 -19.04 19.05
C ARG C 45 1.04 -20.18 20.04
N SER C 58 -6.19 -28.01 14.16
CA SER C 58 -7.15 -27.11 14.78
C SER C 58 -7.40 -25.81 14.01
N LEU C 59 -8.64 -25.27 14.11
CA LEU C 59 -9.00 -24.00 13.48
C LEU C 59 -9.85 -23.16 14.43
N GLU C 60 -9.43 -21.91 14.62
CA GLU C 60 -10.14 -20.92 15.43
C GLU C 60 -10.57 -19.73 14.57
N VAL C 61 -11.78 -19.21 14.80
CA VAL C 61 -12.36 -18.21 13.91
C VAL C 61 -12.80 -16.97 14.70
N THR C 62 -12.50 -15.79 14.15
CA THR C 62 -12.94 -14.49 14.68
C THR C 62 -13.68 -13.74 13.59
N GLY C 63 -14.32 -12.63 13.97
CA GLY C 63 -15.01 -11.80 12.96
C GLY C 63 -16.50 -11.74 13.19
N GLN C 64 -17.29 -12.26 12.23
CA GLN C 64 -18.74 -12.21 12.38
C GLN C 64 -19.23 -13.08 13.54
N LEU C 65 -18.77 -14.33 13.60
CA LEU C 65 -19.09 -15.28 14.68
C LEU C 65 -20.54 -15.77 14.64
N GLY C 66 -21.27 -15.47 13.56
CA GLY C 66 -22.59 -16.05 13.41
C GLY C 66 -22.47 -17.54 13.11
N GLU C 67 -23.32 -18.33 13.75
CA GLU C 67 -23.13 -19.78 13.75
C GLU C 67 -23.53 -20.41 12.43
N VAL C 68 -24.34 -19.72 11.62
CA VAL C 68 -24.43 -20.09 10.21
C VAL C 68 -23.04 -20.00 9.59
N MET C 69 -22.33 -18.90 9.88
CA MET C 69 -20.98 -18.71 9.36
C MET C 69 -19.95 -19.55 10.11
N LYS C 70 -20.14 -19.78 11.42
CA LYS C 70 -19.19 -20.59 12.18
C LYS C 70 -19.07 -22.00 11.62
N GLU C 71 -20.21 -22.58 11.27
CA GLU C 71 -20.24 -23.91 10.69
C GLU C 71 -19.90 -23.88 9.21
N SER C 72 -20.19 -22.76 8.53
CA SER C 72 -19.79 -22.58 7.14
C SER C 72 -18.26 -22.47 7.01
N ALA C 73 -17.57 -22.11 8.11
CA ALA C 73 -16.13 -22.21 8.17
C ALA C 73 -15.68 -23.65 8.40
N ARG C 74 -16.45 -24.42 9.20
CA ARG C 74 -16.16 -25.84 9.35
C ARG C 74 -16.22 -26.55 8.01
N ILE C 75 -17.24 -26.25 7.19
CA ILE C 75 -17.33 -26.84 5.86
C ILE C 75 -16.08 -26.51 5.05
N ALA C 76 -15.67 -25.24 5.05
CA ALA C 76 -14.50 -24.83 4.27
C ALA C 76 -13.23 -25.49 4.81
N TYR C 77 -13.10 -25.57 6.13
CA TYR C 77 -11.94 -26.22 6.75
C TYR C 77 -11.86 -27.68 6.34
N THR C 78 -12.99 -28.41 6.38
CA THR C 78 -12.94 -29.83 6.02
C THR C 78 -12.61 -30.01 4.53
N PHE C 79 -13.24 -29.23 3.65
CA PHE C 79 -12.96 -29.39 2.24
C PHE C 79 -11.51 -29.05 1.91
N ALA C 80 -11.01 -27.94 2.46
CA ALA C 80 -9.62 -27.56 2.21
C ALA C 80 -8.66 -28.63 2.70
N ARG C 81 -8.92 -29.16 3.89
CA ARG C 81 -8.11 -30.26 4.44
C ARG C 81 -8.10 -31.45 3.49
N ALA C 82 -9.27 -31.82 2.98
CA ALA C 82 -9.35 -32.91 2.01
C ALA C 82 -8.72 -32.49 0.68
N PHE C 83 -8.97 -31.26 0.25
CA PHE C 83 -8.50 -30.82 -1.06
C PHE C 83 -6.99 -30.89 -1.16
N LEU C 84 -6.29 -30.47 -0.12
CA LEU C 84 -4.84 -30.47 -0.17
C LEU C 84 -4.27 -31.83 0.23
N MET C 85 -5.11 -32.73 0.74
CA MET C 85 -4.70 -34.11 0.91
C MET C 85 -4.69 -34.86 -0.41
N GLN C 86 -5.43 -34.40 -1.40
CA GLN C 86 -5.39 -34.98 -2.75
C GLN C 86 -4.35 -34.29 -3.62
N HIS C 87 -4.42 -32.96 -3.72
CA HIS C 87 -3.59 -32.24 -4.69
C HIS C 87 -2.12 -32.17 -4.25
N ALA C 88 -1.84 -32.32 -2.96
CA ALA C 88 -0.47 -32.25 -2.45
C ALA C 88 -0.37 -33.07 -1.18
N PRO C 89 -0.31 -34.40 -1.31
CA PRO C 89 -0.35 -35.27 -0.12
C PRO C 89 0.80 -35.07 0.84
N ALA C 90 1.95 -34.56 0.38
CA ALA C 90 3.07 -34.39 1.29
C ALA C 90 2.90 -33.19 2.21
N ASN C 91 1.88 -32.36 1.98
CA ASN C 91 1.67 -31.17 2.79
C ASN C 91 0.64 -31.48 3.87
N ASP C 92 1.12 -31.45 5.10
CA ASP C 92 0.37 -31.80 6.31
C ASP C 92 -0.18 -30.59 7.03
N TYR C 93 -0.04 -29.41 6.43
CA TYR C 93 -0.17 -28.16 7.18
C TYR C 93 -1.56 -28.01 7.80
N LEU C 94 -2.61 -28.41 7.09
CA LEU C 94 -3.96 -28.20 7.63
C LEU C 94 -4.30 -29.19 8.73
N VAL C 95 -3.69 -30.39 8.69
CA VAL C 95 -3.88 -31.39 9.74
C VAL C 95 -3.01 -31.06 10.95
N THR C 96 -1.93 -30.32 10.74
CA THR C 96 -0.87 -30.13 11.72
C THR C 96 -0.94 -28.79 12.45
N SER C 97 -1.44 -27.76 11.80
CA SER C 97 -1.35 -26.42 12.37
C SER C 97 -2.63 -25.99 13.05
N HIS C 98 -2.47 -25.04 13.97
CA HIS C 98 -3.58 -24.39 14.66
C HIS C 98 -3.76 -23.05 13.96
N ILE C 99 -4.80 -22.95 13.15
CA ILE C 99 -4.99 -21.83 12.27
C ILE C 99 -5.93 -20.85 12.95
N HIS C 100 -5.71 -19.56 12.71
CA HIS C 100 -6.61 -18.51 13.16
C HIS C 100 -7.23 -17.90 11.91
N LEU C 101 -8.54 -17.79 11.91
CA LEU C 101 -9.30 -17.30 10.77
C LEU C 101 -10.09 -16.06 11.17
N HIS C 102 -10.04 -15.02 10.34
CA HIS C 102 -10.81 -13.81 10.59
C HIS C 102 -11.67 -13.57 9.36
N VAL C 103 -12.97 -13.43 9.59
CA VAL C 103 -13.96 -13.09 8.56
C VAL C 103 -14.60 -11.79 8.97
N PRO C 104 -14.21 -10.68 8.35
CA PRO C 104 -14.67 -9.37 8.83
C PRO C 104 -16.18 -9.26 8.82
N GLU C 105 -16.69 -8.42 9.73
CA GLU C 105 -18.11 -8.14 9.79
C GLU C 105 -18.46 -7.11 8.72
N GLY C 106 -19.75 -7.08 8.38
CA GLY C 106 -20.18 -6.26 7.27
C GLY C 106 -21.22 -6.96 6.42
N ALA C 107 -21.12 -8.28 6.33
CA ALA C 107 -22.01 -9.02 5.45
C ALA C 107 -23.32 -9.29 6.18
N THR C 108 -24.41 -9.29 5.43
CA THR C 108 -25.71 -9.53 6.03
C THR C 108 -25.78 -11.01 6.41
N PRO C 109 -26.54 -11.36 7.44
CA PRO C 109 -26.63 -12.79 7.80
C PRO C 109 -27.13 -13.63 6.65
N LYS C 110 -28.04 -13.08 5.85
CA LYS C 110 -28.52 -13.79 4.67
C LYS C 110 -27.35 -14.14 3.74
N ASP C 111 -26.34 -13.28 3.72
CA ASP C 111 -25.22 -13.54 2.77
C ASP C 111 -24.03 -14.18 3.48
N GLY C 112 -24.19 -14.65 4.71
CA GLY C 112 -23.00 -15.14 5.43
C GLY C 112 -22.27 -16.29 4.79
N PRO C 113 -22.92 -17.37 4.35
CA PRO C 113 -22.16 -18.49 3.82
C PRO C 113 -21.53 -18.24 2.44
N SER C 114 -21.74 -17.07 1.88
CA SER C 114 -21.19 -16.80 0.56
C SER C 114 -19.69 -16.53 0.61
N ALA C 115 -19.10 -16.51 1.80
CA ALA C 115 -17.67 -16.36 1.96
C ALA C 115 -16.95 -17.70 1.95
N GLY C 116 -17.67 -18.78 1.65
CA GLY C 116 -17.13 -20.12 1.63
C GLY C 116 -15.92 -20.38 0.77
N CYS C 117 -16.04 -20.18 -0.55
CA CYS C 117 -14.86 -20.34 -1.42
C CYS C 117 -13.72 -19.44 -0.97
N THR C 118 -14.03 -18.19 -0.60
CA THR C 118 -12.99 -17.28 -0.11
C THR C 118 -12.22 -17.92 1.05
N ILE C 119 -12.94 -18.57 1.97
CA ILE C 119 -12.27 -19.17 3.13
C ILE C 119 -11.39 -20.33 2.70
N VAL C 120 -11.89 -21.21 1.83
CA VAL C 120 -11.08 -22.32 1.33
C VAL C 120 -9.78 -21.79 0.73
N THR C 121 -9.89 -20.79 -0.13
CA THR C 121 -8.73 -20.21 -0.76
C THR C 121 -7.76 -19.61 0.25
N ALA C 122 -8.27 -18.97 1.30
CA ALA C 122 -7.38 -18.41 2.31
C ALA C 122 -6.57 -19.51 3.00
N LEU C 123 -7.25 -20.62 3.36
CA LEU C 123 -6.58 -21.74 4.02
C LEU C 123 -5.56 -22.40 3.10
N LEU C 124 -5.93 -22.65 1.86
CA LEU C 124 -4.98 -23.24 0.91
C LEU C 124 -3.80 -22.31 0.68
N SER C 125 -4.06 -21.01 0.50
CA SER C 125 -2.98 -20.04 0.34
C SER C 125 -2.02 -20.08 1.52
N LEU C 126 -2.57 -20.09 2.74
CA LEU C 126 -1.71 -20.16 3.92
C LEU C 126 -0.99 -21.50 3.99
N ALA C 127 -1.71 -22.60 3.73
CA ALA C 127 -1.14 -23.93 3.89
C ALA C 127 -0.08 -24.21 2.83
N MET C 128 -0.19 -23.62 1.64
CA MET C 128 0.86 -23.72 0.64
C MET C 128 1.91 -22.62 0.77
N GLY C 129 1.65 -21.66 1.64
CA GLY C 129 2.62 -20.56 1.74
C GLY C 129 2.70 -19.82 0.43
N ARG C 130 1.63 -19.85 -0.33
CA ARG C 130 1.63 -19.14 -1.63
C ARG C 130 0.49 -18.14 -1.64
N PRO C 131 0.74 -16.88 -2.00
CA PRO C 131 -0.30 -15.89 -2.01
C PRO C 131 -1.17 -16.03 -3.25
N VAL C 132 -2.39 -15.56 -3.15
CA VAL C 132 -3.36 -15.60 -4.22
C VAL C 132 -3.00 -14.58 -5.31
N ARG C 133 -3.42 -14.88 -6.53
CA ARG C 133 -3.27 -13.99 -7.68
C ARG C 133 -3.74 -12.58 -7.36
N GLN C 134 -2.93 -11.59 -7.74
CA GLN C 134 -3.36 -10.21 -7.52
C GLN C 134 -4.58 -9.89 -8.38
N ASN C 135 -5.35 -8.89 -7.97
CA ASN C 135 -6.50 -8.44 -8.75
C ASN C 135 -7.56 -9.53 -8.87
N LEU C 136 -7.82 -10.23 -7.77
CA LEU C 136 -8.83 -11.27 -7.77
C LEU C 136 -9.80 -11.06 -6.62
N ALA C 137 -11.10 -11.10 -6.93
CA ALA C 137 -12.13 -11.17 -5.90
C ALA C 137 -13.08 -12.31 -6.24
N MET C 138 -13.70 -12.88 -5.20
CA MET C 138 -14.56 -14.04 -5.42
C MET C 138 -15.69 -14.03 -4.42
N THR C 139 -16.74 -14.77 -4.75
CA THR C 139 -17.86 -14.98 -3.85
C THR C 139 -18.54 -16.29 -4.23
N GLY C 140 -19.03 -17.00 -3.23
CA GLY C 140 -19.69 -18.26 -3.53
C GLY C 140 -19.76 -19.20 -2.34
N GLU C 141 -20.93 -19.81 -2.16
CA GLU C 141 -21.09 -20.85 -1.16
C GLU C 141 -20.40 -22.12 -1.64
N VAL C 142 -19.74 -22.81 -0.73
CA VAL C 142 -19.03 -24.05 -1.04
C VAL C 142 -19.66 -25.20 -0.27
N SER C 143 -20.08 -26.23 -0.99
CA SER C 143 -20.53 -27.52 -0.46
C SER C 143 -19.35 -28.38 -0.02
N LEU C 144 -19.66 -29.46 0.70
CA LEU C 144 -18.66 -30.45 1.09
C LEU C 144 -18.06 -31.19 -0.10
N THR C 145 -18.76 -31.29 -1.22
CA THR C 145 -18.19 -31.81 -2.46
C THR C 145 -17.35 -30.79 -3.19
N GLY C 146 -17.34 -29.54 -2.72
CA GLY C 146 -16.63 -28.49 -3.37
C GLY C 146 -17.42 -27.84 -4.48
N LYS C 147 -18.72 -28.12 -4.59
CA LYS C 147 -19.52 -27.45 -5.58
C LYS C 147 -19.76 -26.02 -5.13
N ILE C 148 -19.74 -25.10 -6.09
CA ILE C 148 -19.86 -23.68 -5.81
C ILE C 148 -21.30 -23.28 -6.08
N LEU C 149 -21.96 -22.78 -5.07
CA LEU C 149 -23.39 -22.52 -5.12
C LEU C 149 -23.69 -21.04 -5.27
N PRO C 150 -24.80 -20.71 -5.93
CA PRO C 150 -25.11 -19.30 -6.20
C PRO C 150 -25.41 -18.54 -4.92
N VAL C 151 -25.21 -17.22 -5.00
CA VAL C 151 -25.36 -16.30 -3.87
C VAL C 151 -26.17 -15.09 -4.30
N GLY C 152 -26.56 -14.29 -3.31
CA GLY C 152 -27.31 -13.08 -3.56
C GLY C 152 -26.40 -11.86 -3.68
N GLY C 153 -27.03 -10.74 -4.02
CA GLY C 153 -26.33 -9.46 -4.06
C GLY C 153 -25.28 -9.32 -5.13
N ILE C 154 -25.50 -9.90 -6.31
CA ILE C 154 -24.51 -9.86 -7.37
C ILE C 154 -24.27 -8.43 -7.84
N LYS C 155 -25.34 -7.63 -7.95
CA LYS C 155 -25.16 -6.23 -8.35
C LYS C 155 -24.30 -5.48 -7.34
N GLU C 156 -24.61 -5.60 -6.05
CA GLU C 156 -23.85 -4.86 -5.04
C GLU C 156 -22.41 -5.35 -4.99
N LYS C 157 -22.22 -6.67 -5.10
CA LYS C 157 -20.87 -7.25 -5.03
C LYS C 157 -20.03 -6.88 -6.25
N THR C 158 -20.65 -6.85 -7.42
CA THR C 158 -19.93 -6.51 -8.63
C THR C 158 -19.54 -5.03 -8.65
N ILE C 159 -20.48 -4.16 -8.29
CA ILE C 159 -20.17 -2.75 -8.13
C ILE C 159 -19.00 -2.56 -7.16
N ALA C 160 -19.03 -3.27 -6.02
CA ALA C 160 -17.96 -3.13 -5.03
C ALA C 160 -16.62 -3.58 -5.60
N ALA C 161 -16.62 -4.67 -6.36
CA ALA C 161 -15.39 -5.10 -6.99
C ALA C 161 -14.86 -4.02 -7.94
N LYS C 162 -15.74 -3.47 -8.78
CA LYS C 162 -15.30 -2.47 -9.74
C LYS C 162 -14.72 -1.25 -9.05
N ARG C 163 -15.36 -0.79 -7.95
CA ARG C 163 -14.88 0.39 -7.23
C ARG C 163 -13.48 0.18 -6.67
N ALA C 164 -13.11 -1.06 -6.37
CA ALA C 164 -11.81 -1.40 -5.79
C ALA C 164 -10.75 -1.65 -6.85
N GLY C 165 -11.07 -1.48 -8.13
CA GLY C 165 -10.11 -1.76 -9.18
C GLY C 165 -9.90 -3.23 -9.50
N VAL C 166 -10.77 -4.11 -9.02
CA VAL C 166 -10.68 -5.52 -9.38
C VAL C 166 -11.10 -5.71 -10.83
N THR C 167 -10.23 -6.34 -11.62
CA THR C 167 -10.49 -6.66 -13.01
C THR C 167 -10.94 -8.11 -13.20
N CYS C 168 -10.66 -8.96 -12.22
CA CYS C 168 -10.92 -10.38 -12.36
C CYS C 168 -11.76 -10.86 -11.19
N ILE C 169 -12.97 -11.30 -11.48
CA ILE C 169 -13.95 -11.67 -10.48
C ILE C 169 -14.41 -13.10 -10.71
N VAL C 170 -14.56 -13.85 -9.63
CA VAL C 170 -14.94 -15.25 -9.68
C VAL C 170 -16.32 -15.38 -9.04
N LEU C 171 -17.25 -15.99 -9.77
CA LEU C 171 -18.67 -16.04 -9.44
C LEU C 171 -19.21 -17.45 -9.62
N PRO C 172 -20.23 -17.84 -8.86
CA PRO C 172 -20.87 -19.14 -9.09
C PRO C 172 -21.55 -19.19 -10.44
N ALA C 173 -21.44 -20.33 -11.11
CA ALA C 173 -21.98 -20.46 -12.45
C ALA C 173 -23.48 -20.16 -12.49
N GLU C 174 -24.21 -20.50 -11.44
CA GLU C 174 -25.65 -20.25 -11.46
C GLU C 174 -25.99 -18.77 -11.25
N ASN C 175 -25.01 -17.95 -10.93
CA ASN C 175 -25.21 -16.51 -10.91
C ASN C 175 -24.92 -15.87 -12.25
N LYS C 176 -24.73 -16.67 -13.31
CA LYS C 176 -24.43 -16.11 -14.63
C LYS C 176 -25.54 -15.18 -15.09
N LYS C 177 -26.80 -15.61 -14.97
CA LYS C 177 -27.91 -14.77 -15.39
C LYS C 177 -27.95 -13.49 -14.57
N ASP C 178 -27.66 -13.58 -13.28
CA ASP C 178 -27.67 -12.38 -12.44
C ASP C 178 -26.61 -11.39 -12.92
N PHE C 179 -25.45 -11.90 -13.33
CA PHE C 179 -24.37 -11.01 -13.74
C PHE C 179 -24.71 -10.27 -15.03
N TYR C 180 -25.26 -10.97 -16.02
CA TYR C 180 -25.48 -10.31 -17.29
C TYR C 180 -26.74 -9.46 -17.34
N ASP C 181 -27.58 -9.48 -16.31
CA ASP C 181 -28.67 -8.52 -16.17
C ASP C 181 -28.20 -7.19 -15.61
N LEU C 182 -26.94 -7.10 -15.22
CA LEU C 182 -26.37 -5.86 -14.74
C LEU C 182 -26.14 -4.93 -15.92
N ALA C 183 -26.11 -3.63 -15.61
CA ALA C 183 -25.86 -2.65 -16.65
C ALA C 183 -24.49 -2.86 -17.30
N ALA C 184 -24.47 -2.71 -18.62
CA ALA C 184 -23.24 -2.89 -19.37
C ALA C 184 -22.10 -2.04 -18.81
N PHE C 185 -22.40 -0.81 -18.38
CA PHE C 185 -21.34 0.06 -17.87
C PHE C 185 -20.79 -0.47 -16.55
N ILE C 186 -21.50 -1.37 -15.88
CA ILE C 186 -20.96 -2.01 -14.69
C ILE C 186 -20.04 -3.16 -15.06
N THR C 187 -20.46 -4.00 -16.01
CA THR C 187 -19.72 -5.22 -16.32
C THR C 187 -18.62 -5.01 -17.34
N GLU C 188 -18.66 -3.93 -18.10
CA GLU C 188 -17.61 -3.62 -19.06
C GLU C 188 -16.24 -3.66 -18.37
N GLY C 189 -15.27 -4.30 -19.03
CA GLY C 189 -13.92 -4.39 -18.52
C GLY C 189 -13.68 -5.45 -17.47
N LEU C 190 -14.72 -6.10 -16.97
CA LEU C 190 -14.57 -7.14 -15.97
C LEU C 190 -14.36 -8.48 -16.67
N GLU C 191 -13.24 -9.12 -16.37
CA GLU C 191 -13.02 -10.53 -16.72
C GLU C 191 -13.68 -11.39 -15.65
N VAL C 192 -14.71 -12.13 -16.02
CA VAL C 192 -15.47 -12.91 -15.07
C VAL C 192 -15.29 -14.40 -15.37
N HIS C 193 -15.17 -15.18 -14.31
CA HIS C 193 -15.07 -16.63 -14.41
C HIS C 193 -16.24 -17.20 -13.65
N PHE C 194 -17.05 -17.99 -14.34
CA PHE C 194 -18.18 -18.66 -13.75
C PHE C 194 -17.76 -20.09 -13.45
N VAL C 195 -17.89 -20.50 -12.20
CA VAL C 195 -17.32 -21.76 -11.75
C VAL C 195 -18.41 -22.63 -11.12
N GLU C 196 -18.21 -23.94 -11.23
CA GLU C 196 -19.15 -24.94 -10.65
C GLU C 196 -18.45 -25.65 -9.51
N HIS C 197 -17.15 -25.87 -9.65
CA HIS C 197 -16.39 -26.60 -8.60
C HIS C 197 -15.18 -25.81 -8.14
N TYR C 198 -14.81 -25.96 -6.88
CA TYR C 198 -13.66 -25.21 -6.34
C TYR C 198 -12.37 -25.42 -7.12
N ARG C 199 -12.15 -26.59 -7.69
CA ARG C 199 -10.94 -26.81 -8.47
C ARG C 199 -10.77 -25.73 -9.53
N GLU C 200 -11.88 -25.27 -10.12
CA GLU C 200 -11.77 -24.20 -11.10
C GLU C 200 -11.30 -22.91 -10.43
N ILE C 201 -11.80 -22.64 -9.22
CA ILE C 201 -11.34 -21.47 -8.47
C ILE C 201 -9.87 -21.60 -8.13
N PHE C 202 -9.47 -22.79 -7.66
CA PHE C 202 -8.07 -23.03 -7.31
C PHE C 202 -7.13 -22.68 -8.45
N ASP C 203 -7.51 -23.02 -9.68
CA ASP C 203 -6.62 -22.79 -10.80
C ASP C 203 -6.59 -21.34 -11.23
N ILE C 204 -7.63 -20.56 -10.89
CA ILE C 204 -7.59 -19.12 -11.10
C ILE C 204 -6.77 -18.44 -10.01
N ALA C 205 -6.98 -18.85 -8.75
CA ALA C 205 -6.30 -18.19 -7.64
C ALA C 205 -4.80 -18.45 -7.67
N PHE C 206 -4.39 -19.68 -7.97
CA PHE C 206 -2.99 -20.08 -7.91
C PHE C 206 -2.56 -20.68 -9.25
N PRO C 207 -2.34 -19.82 -10.26
CA PRO C 207 -1.90 -20.36 -11.56
C PRO C 207 -0.49 -20.93 -11.52
#